data_8XPW
#
_entry.id   8XPW
#
_cell.length_a   77.449
_cell.length_b   77.598
_cell.length_c   89.330
_cell.angle_alpha   90.00
_cell.angle_beta   90.00
_cell.angle_gamma   90.00
#
_symmetry.space_group_name_H-M   'P 21 21 21'
#
loop_
_entity.id
_entity.type
_entity.pdbx_description
1 polymer Laminarinase
2 non-polymer 2-AMINO-2-HYDROXYMETHYL-PROPANE-1,3-DIOL
3 water water
#
_entity_poly.entity_id   1
_entity_poly.type   'polypeptide(L)'
_entity_poly.pdbx_seq_one_letter_code
;QNPASTNVIWSQEFDGESLDRNVWSYDVGGHGFGNGQLEFNTDRPENAYLRDGNLVIEARREAYGGNAFTSARIHTRGRF
AFQYGDLEARIKVPDTSDGIWPAFWMLGNNFPGTVWPKCGEADILEIGGKDGIAKGLQNRQINCALHFAGVGEQKTSLVE
WFDAPVDLHLDYHLYKISWTPTHMKFFLDGKEFGSWDITASEMKEYHQPFYPILNVAVGSWTHSYTGLDTPEKITATLPA
RMYVDWIRLYGHPETKLVQNKLEHHHHHH
;
_entity_poly.pdbx_strand_id   A,B
#
# COMPACT_ATOMS: atom_id res chain seq x y z
N ASN A 7 -28.33 14.09 -8.90
CA ASN A 7 -28.67 12.68 -8.56
C ASN A 7 -27.44 11.95 -8.02
N VAL A 8 -27.29 11.95 -6.69
CA VAL A 8 -26.14 11.35 -6.02
C VAL A 8 -26.34 9.84 -5.99
N ILE A 9 -25.40 9.11 -6.59
CA ILE A 9 -25.47 7.65 -6.65
C ILE A 9 -24.33 7.04 -5.83
N TRP A 10 -23.40 7.88 -5.37
CA TRP A 10 -22.29 7.44 -4.53
C TRP A 10 -21.70 8.66 -3.83
N SER A 11 -21.31 8.51 -2.56
CA SER A 11 -20.73 9.61 -1.82
C SER A 11 -19.95 9.12 -0.60
N GLN A 12 -19.14 10.03 -0.06
CA GLN A 12 -18.58 9.94 1.27
C GLN A 12 -18.80 11.29 1.96
N GLU A 13 -19.60 11.28 3.03
CA GLU A 13 -19.90 12.50 3.77
C GLU A 13 -18.96 12.63 4.98
N PHE A 14 -18.18 11.58 5.25
CA PHE A 14 -17.14 11.58 6.27
C PHE A 14 -17.78 11.86 7.63
N ASP A 15 -18.83 11.10 7.92
CA ASP A 15 -19.71 11.36 9.05
C ASP A 15 -19.17 10.70 10.31
N GLY A 16 -18.55 9.52 10.18
CA GLY A 16 -18.16 8.70 11.31
C GLY A 16 -16.97 9.28 12.09
N GLU A 17 -16.23 8.42 12.79
CA GLU A 17 -15.07 8.84 13.55
C GLU A 17 -13.81 8.17 13.01
N SER A 18 -13.95 7.33 11.98
CA SER A 18 -12.83 6.66 11.34
C SER A 18 -13.12 6.42 9.87
N LEU A 19 -12.08 6.47 9.04
CA LEU A 19 -12.23 6.32 7.60
C LEU A 19 -12.61 4.86 7.29
N ASP A 20 -13.57 4.70 6.36
CA ASP A 20 -14.14 3.40 6.07
C ASP A 20 -13.19 2.63 5.16
N ARG A 21 -12.56 1.57 5.72
CA ARG A 21 -11.55 0.80 5.02
C ARG A 21 -12.17 -0.13 3.98
N ASN A 22 -13.50 -0.25 3.96
CA ASN A 22 -14.20 -0.98 2.90
C ASN A 22 -14.48 -0.05 1.72
N VAL A 23 -14.02 1.20 1.79
CA VAL A 23 -14.03 2.10 0.64
C VAL A 23 -12.61 2.53 0.30
N TRP A 24 -11.81 2.88 1.33
CA TRP A 24 -10.53 3.54 1.11
C TRP A 24 -9.35 2.61 1.35
N SER A 25 -8.25 2.88 0.62
CA SER A 25 -6.97 2.23 0.84
C SER A 25 -5.88 3.30 0.93
N TYR A 26 -4.78 2.96 1.63
CA TYR A 26 -3.68 3.89 1.85
C TYR A 26 -2.49 3.49 0.99
N ASP A 27 -2.03 4.44 0.16
CA ASP A 27 -0.69 4.36 -0.42
C ASP A 27 0.32 4.69 0.68
N VAL A 28 1.15 3.70 1.04
CA VAL A 28 2.13 3.84 2.09
C VAL A 28 3.51 3.85 1.45
N GLY A 29 4.41 4.73 1.95
CA GLY A 29 5.76 4.85 1.45
C GLY A 29 6.27 6.28 1.58
N GLY A 30 7.58 6.46 1.39
CA GLY A 30 8.21 7.77 1.41
C GLY A 30 9.31 7.86 0.36
N HIS A 31 9.02 7.35 -0.84
CA HIS A 31 10.01 7.16 -1.89
C HIS A 31 9.86 8.21 -3.00
N GLY A 32 8.94 9.17 -2.83
CA GLY A 32 8.85 10.30 -3.73
C GLY A 32 7.71 10.20 -4.73
N PHE A 33 7.21 8.98 -4.96
CA PHE A 33 6.03 8.74 -5.78
C PHE A 33 6.22 9.31 -7.18
N GLY A 34 7.44 9.19 -7.72
CA GLY A 34 7.75 9.56 -9.09
C GLY A 34 7.88 11.07 -9.30
N ASN A 35 7.96 11.84 -8.21
CA ASN A 35 8.02 13.29 -8.30
C ASN A 35 9.04 13.89 -7.31
N GLY A 36 9.80 13.04 -6.61
CA GLY A 36 10.75 13.50 -5.61
C GLY A 36 10.07 14.14 -4.40
N GLN A 37 8.84 13.69 -4.09
CA GLN A 37 8.09 14.19 -2.95
C GLN A 37 8.80 13.77 -1.67
N LEU A 38 8.69 14.59 -0.62
CA LEU A 38 9.48 14.41 0.58
C LEU A 38 8.67 13.71 1.68
N GLU A 39 7.34 13.71 1.56
CA GLU A 39 6.48 13.21 2.62
C GLU A 39 6.46 11.69 2.59
N PHE A 40 6.40 11.08 3.79
CA PHE A 40 6.08 9.67 3.94
C PHE A 40 4.58 9.56 4.19
N ASN A 41 3.87 8.95 3.23
CA ASN A 41 2.44 8.74 3.33
C ASN A 41 2.19 7.51 4.19
N THR A 42 1.39 7.66 5.26
CA THR A 42 1.18 6.61 6.23
C THR A 42 -0.31 6.25 6.29
N ASP A 43 -0.61 5.21 7.08
CA ASP A 43 -1.97 4.76 7.31
C ASP A 43 -2.39 5.09 8.74
N ARG A 44 -1.82 6.17 9.29
CA ARG A 44 -1.97 6.48 10.70
C ARG A 44 -3.09 7.49 10.91
N PRO A 45 -3.74 7.48 12.10
CA PRO A 45 -4.73 8.52 12.45
C PRO A 45 -4.17 9.94 12.51
N GLU A 46 -2.85 10.07 12.69
CA GLU A 46 -2.19 11.35 12.74
C GLU A 46 -2.38 12.09 11.42
N ASN A 47 -2.30 11.34 10.31
CA ASN A 47 -2.20 11.92 8.98
C ASN A 47 -3.56 11.90 8.25
N ALA A 48 -4.45 10.99 8.65
CA ALA A 48 -5.76 10.89 8.04
C ALA A 48 -6.79 10.46 9.08
N TYR A 49 -7.83 11.28 9.26
CA TYR A 49 -8.81 11.06 10.32
C TYR A 49 -10.08 11.85 10.02
N LEU A 50 -11.19 11.41 10.65
CA LEU A 50 -12.49 12.03 10.52
C LEU A 50 -12.82 12.83 11.78
N ARG A 51 -13.57 13.92 11.59
CA ARG A 51 -13.81 14.89 12.66
C ARG A 51 -14.86 15.90 12.19
N ASP A 52 -15.98 15.98 12.92
CA ASP A 52 -17.00 17.00 12.68
C ASP A 52 -17.46 16.98 11.22
N GLY A 53 -17.68 15.78 10.67
CA GLY A 53 -18.24 15.63 9.33
C GLY A 53 -17.24 15.94 8.22
N ASN A 54 -15.94 15.86 8.53
CA ASN A 54 -14.87 16.15 7.59
C ASN A 54 -13.82 15.05 7.61
N LEU A 55 -13.28 14.75 6.42
CA LEU A 55 -12.01 14.05 6.32
C LEU A 55 -10.91 15.08 6.44
N VAL A 56 -9.90 14.77 7.27
CA VAL A 56 -8.76 15.66 7.45
C VAL A 56 -7.50 14.88 7.10
N ILE A 57 -6.83 15.29 6.01
CA ILE A 57 -5.49 14.82 5.72
C ILE A 57 -4.51 15.87 6.22
N GLU A 58 -3.59 15.44 7.09
CA GLU A 58 -2.70 16.33 7.82
C GLU A 58 -1.26 15.97 7.47
N ALA A 59 -0.54 16.92 6.86
CA ALA A 59 0.89 16.81 6.67
C ALA A 59 1.62 17.46 7.85
N ARG A 60 2.71 16.83 8.30
CA ARG A 60 3.41 17.27 9.49
C ARG A 60 4.91 17.22 9.25
N ARG A 61 5.65 18.21 9.81
CA ARG A 61 7.09 18.16 9.89
C ARG A 61 7.45 17.21 11.02
N GLU A 62 8.05 16.06 10.67
CA GLU A 62 8.18 14.95 11.59
C GLU A 62 9.12 13.90 10.99
N ALA A 63 10.07 13.44 11.80
CA ALA A 63 10.99 12.39 11.39
C ALA A 63 10.24 11.05 11.40
N TYR A 64 10.14 10.42 10.21
CA TYR A 64 9.41 9.18 10.06
C TYR A 64 9.96 8.42 8.85
N GLY A 65 10.38 7.17 9.09
CA GLY A 65 10.69 6.22 8.04
C GLY A 65 11.79 6.70 7.09
N GLY A 66 12.65 7.62 7.56
CA GLY A 66 13.72 8.17 6.75
C GLY A 66 13.40 9.56 6.22
N ASN A 67 12.13 9.97 6.33
CA ASN A 67 11.66 11.21 5.76
C ASN A 67 11.52 12.27 6.85
N ALA A 68 11.37 13.53 6.43
CA ALA A 68 11.25 14.65 7.33
C ALA A 68 9.79 15.13 7.44
N PHE A 69 8.88 14.48 6.70
CA PHE A 69 7.46 14.83 6.73
C PHE A 69 6.60 13.58 6.64
N THR A 70 5.45 13.62 7.31
CA THR A 70 4.40 12.62 7.14
C THR A 70 3.18 13.28 6.51
N SER A 71 2.38 12.47 5.80
CA SER A 71 1.09 12.88 5.29
C SER A 71 0.28 11.62 4.98
N ALA A 72 -0.73 11.76 4.09
CA ALA A 72 -1.52 10.62 3.65
C ALA A 72 -1.89 10.77 2.18
N ARG A 73 -2.18 9.63 1.56
CA ARG A 73 -2.50 9.53 0.15
C ARG A 73 -3.46 8.36 -0.03
N ILE A 74 -4.75 8.67 -0.20
CA ILE A 74 -5.80 7.67 -0.13
C ILE A 74 -6.54 7.61 -1.45
N HIS A 75 -7.15 6.44 -1.72
CA HIS A 75 -7.85 6.18 -2.97
C HIS A 75 -8.90 5.09 -2.74
N THR A 76 -9.78 4.88 -3.74
CA THR A 76 -10.88 3.94 -3.62
C THR A 76 -10.76 2.81 -4.64
N ARG A 77 -9.53 2.56 -5.12
CA ARG A 77 -9.30 1.52 -6.11
C ARG A 77 -9.72 0.17 -5.54
N GLY A 78 -10.56 -0.55 -6.30
CA GLY A 78 -11.00 -1.87 -5.91
C GLY A 78 -12.35 -1.86 -5.20
N ARG A 79 -12.72 -0.69 -4.64
CA ARG A 79 -13.97 -0.56 -3.90
C ARG A 79 -14.93 0.38 -4.64
N PHE A 80 -14.40 1.42 -5.26
CA PHE A 80 -15.23 2.35 -6.02
C PHE A 80 -14.48 2.85 -7.26
N ALA A 81 -15.13 2.68 -8.42
CA ALA A 81 -14.73 3.33 -9.65
C ALA A 81 -15.97 3.64 -10.47
N PHE A 82 -15.84 4.53 -11.46
CA PHE A 82 -16.97 4.92 -12.29
C PHE A 82 -16.46 5.39 -13.65
N GLN A 83 -17.35 5.30 -14.65
CA GLN A 83 -17.08 5.80 -15.99
C GLN A 83 -18.22 6.74 -16.40
N TYR A 84 -17.88 8.04 -16.50
CA TYR A 84 -18.80 9.11 -16.88
C TYR A 84 -19.58 9.57 -15.64
N GLY A 85 -19.73 10.89 -15.51
CA GLY A 85 -20.46 11.49 -14.40
C GLY A 85 -19.81 12.79 -13.95
N ASP A 86 -20.47 13.47 -13.00
CA ASP A 86 -19.89 14.62 -12.33
C ASP A 86 -19.40 14.18 -10.95
N LEU A 87 -18.08 14.22 -10.74
CA LEU A 87 -17.50 13.97 -9.43
C LEU A 87 -17.09 15.30 -8.82
N GLU A 88 -17.69 15.65 -7.67
CA GLU A 88 -17.45 16.92 -7.02
C GLU A 88 -17.01 16.66 -5.58
N ALA A 89 -16.07 17.50 -5.09
CA ALA A 89 -15.64 17.44 -3.71
C ALA A 89 -15.60 18.84 -3.11
N ARG A 90 -16.06 18.96 -1.86
CA ARG A 90 -16.03 20.20 -1.13
C ARG A 90 -14.79 20.19 -0.22
N ILE A 91 -13.81 21.04 -0.55
CA ILE A 91 -12.48 20.95 0.02
C ILE A 91 -12.03 22.35 0.48
N LYS A 92 -11.46 22.41 1.69
CA LYS A 92 -10.69 23.56 2.15
C LYS A 92 -9.22 23.16 2.19
N VAL A 93 -8.47 23.61 1.18
CA VAL A 93 -7.06 23.30 1.08
C VAL A 93 -6.30 24.11 2.13
N PRO A 94 -5.18 23.59 2.67
CA PRO A 94 -4.35 24.36 3.60
C PRO A 94 -3.57 25.45 2.88
N ASP A 95 -3.00 26.38 3.65
CA ASP A 95 -2.08 27.37 3.10
C ASP A 95 -0.86 26.61 2.56
N THR A 96 -0.76 26.56 1.23
CA THR A 96 0.34 25.89 0.55
C THR A 96 1.63 26.71 0.68
N SER A 97 1.50 28.01 0.99
CA SER A 97 2.66 28.87 1.21
C SER A 97 3.70 28.57 0.14
N ASP A 98 4.73 27.82 0.55
CA ASP A 98 5.76 27.31 -0.34
C ASP A 98 6.08 25.90 0.16
N GLY A 99 5.65 24.89 -0.60
CA GLY A 99 6.08 23.52 -0.35
C GLY A 99 4.93 22.51 -0.40
N ILE A 100 3.75 22.92 0.08
CA ILE A 100 2.62 22.01 0.20
C ILE A 100 1.96 21.88 -1.17
N TRP A 101 1.56 20.64 -1.50
CA TRP A 101 1.07 20.26 -2.82
C TRP A 101 -0.11 19.31 -2.67
N PRO A 102 -1.30 19.82 -2.31
CA PRO A 102 -2.50 18.99 -2.22
C PRO A 102 -3.08 18.72 -3.59
N ALA A 103 -3.78 17.59 -3.72
CA ALA A 103 -4.31 17.16 -5.01
C ALA A 103 -5.59 16.36 -4.83
N PHE A 104 -6.52 16.58 -5.76
CA PHE A 104 -7.70 15.75 -5.94
C PHE A 104 -7.72 15.31 -7.40
N TRP A 105 -7.65 13.99 -7.63
CA TRP A 105 -7.35 13.47 -8.95
C TRP A 105 -7.78 12.02 -9.07
N MET A 106 -7.67 11.46 -10.28
CA MET A 106 -8.16 10.12 -10.57
C MET A 106 -7.17 9.37 -11.46
N LEU A 107 -7.22 8.04 -11.37
CA LEU A 107 -6.47 7.15 -12.23
C LEU A 107 -7.43 6.15 -12.87
N GLY A 108 -7.06 5.63 -14.04
CA GLY A 108 -7.77 4.51 -14.64
C GLY A 108 -7.79 3.33 -13.68
N ASN A 109 -8.89 2.56 -13.72
CA ASN A 109 -9.13 1.51 -12.74
C ASN A 109 -8.34 0.24 -13.10
N ASN A 110 -7.62 0.28 -14.24
CA ASN A 110 -6.74 -0.81 -14.63
C ASN A 110 -5.33 -0.60 -14.07
N PHE A 111 -5.09 0.54 -13.41
CA PHE A 111 -3.83 0.78 -12.71
C PHE A 111 -3.84 -0.02 -11.41
N PRO A 112 -2.71 -0.60 -10.95
CA PRO A 112 -1.42 -0.52 -11.64
C PRO A 112 -1.05 -1.64 -12.61
N GLY A 113 -2.02 -2.50 -12.95
CA GLY A 113 -1.81 -3.55 -13.93
C GLY A 113 -1.34 -2.97 -15.25
N THR A 114 -2.11 -2.00 -15.77
CA THR A 114 -1.66 -1.15 -16.85
C THR A 114 -0.81 -0.03 -16.25
N VAL A 115 0.41 0.13 -16.76
CA VAL A 115 1.38 1.06 -16.20
C VAL A 115 0.95 2.49 -16.53
N TRP A 116 1.47 3.44 -15.73
CA TRP A 116 1.27 4.85 -15.95
C TRP A 116 2.17 5.30 -17.09
N PRO A 117 1.75 6.21 -18.01
CA PRO A 117 0.41 6.82 -18.00
C PRO A 117 -0.67 6.17 -18.86
N LYS A 118 -0.42 4.93 -19.32
CA LYS A 118 -1.33 4.25 -20.20
C LYS A 118 -2.68 4.04 -19.51
N CYS A 119 -2.66 3.86 -18.18
CA CYS A 119 -3.87 3.70 -17.39
C CYS A 119 -4.76 4.94 -17.49
N GLY A 120 -4.14 6.12 -17.58
CA GLY A 120 -4.86 7.38 -17.71
C GLY A 120 -4.91 8.12 -16.37
N GLU A 121 -4.78 9.44 -16.43
CA GLU A 121 -4.81 10.29 -15.24
C GLU A 121 -5.65 11.53 -15.53
N ALA A 122 -6.47 11.91 -14.55
CA ALA A 122 -7.23 13.15 -14.59
C ALA A 122 -7.06 13.88 -13.26
N ASP A 123 -6.36 15.02 -13.28
CA ASP A 123 -6.18 15.84 -12.09
C ASP A 123 -7.28 16.90 -12.07
N ILE A 124 -8.13 16.85 -11.04
CA ILE A 124 -9.24 17.77 -10.89
C ILE A 124 -8.75 19.04 -10.22
N LEU A 125 -7.96 18.87 -9.15
CA LEU A 125 -7.37 19.97 -8.42
C LEU A 125 -5.90 19.67 -8.12
N GLU A 126 -5.03 20.59 -8.52
CA GLU A 126 -3.68 20.69 -7.99
C GLU A 126 -3.41 22.15 -7.66
N ILE A 127 -2.65 22.38 -6.58
CA ILE A 127 -2.33 23.73 -6.14
C ILE A 127 -1.00 23.68 -5.39
N GLY A 128 -0.28 24.80 -5.40
CA GLY A 128 1.00 24.92 -4.71
C GLY A 128 2.20 24.79 -5.66
N GLY A 129 1.98 25.15 -6.94
CA GLY A 129 2.99 25.00 -7.97
C GLY A 129 4.06 26.10 -7.89
N LYS A 130 5.19 25.86 -8.57
CA LYS A 130 6.36 26.73 -8.49
C LYS A 130 6.09 28.06 -9.20
N ASP A 131 5.31 28.03 -10.29
CA ASP A 131 4.98 29.24 -11.02
C ASP A 131 4.09 30.11 -10.14
N GLY A 132 3.20 29.47 -9.37
CA GLY A 132 2.37 30.18 -8.41
C GLY A 132 3.21 30.89 -7.35
N ILE A 133 4.29 30.24 -6.89
CA ILE A 133 5.17 30.81 -5.89
C ILE A 133 5.84 32.06 -6.46
N ALA A 134 6.44 31.90 -7.65
CA ALA A 134 7.19 32.97 -8.30
C ALA A 134 6.32 34.20 -8.52
N LYS A 135 5.07 33.98 -8.96
CA LYS A 135 4.16 35.06 -9.32
C LYS A 135 3.41 35.58 -8.10
N GLY A 136 3.59 34.93 -6.94
CA GLY A 136 2.97 35.37 -5.69
C GLY A 136 1.48 35.05 -5.64
N LEU A 137 1.08 33.91 -6.24
CA LEU A 137 -0.31 33.51 -6.31
C LEU A 137 -0.47 32.13 -5.69
N GLN A 138 0.11 31.94 -4.50
CA GLN A 138 0.30 30.62 -3.93
C GLN A 138 -1.04 29.90 -3.73
N ASN A 139 -2.04 30.63 -3.21
CA ASN A 139 -3.31 30.00 -2.88
C ASN A 139 -4.40 30.42 -3.88
N ARG A 140 -3.98 30.85 -5.07
CA ARG A 140 -4.90 31.29 -6.11
C ARG A 140 -4.72 30.46 -7.38
N GLN A 141 -3.47 30.25 -7.80
CA GLN A 141 -3.18 29.57 -9.05
C GLN A 141 -3.30 28.06 -8.86
N ILE A 142 -4.26 27.46 -9.57
CA ILE A 142 -4.48 26.02 -9.57
C ILE A 142 -4.31 25.51 -11.00
N ASN A 143 -4.42 24.18 -11.14
CA ASN A 143 -4.51 23.56 -12.46
C ASN A 143 -5.39 22.31 -12.39
N CYS A 144 -6.01 21.98 -13.53
CA CYS A 144 -6.42 20.62 -13.83
C CYS A 144 -5.46 20.08 -14.89
N ALA A 145 -5.54 18.78 -15.16
CA ALA A 145 -4.63 18.16 -16.11
C ALA A 145 -5.14 16.80 -16.57
N LEU A 146 -4.71 16.43 -17.78
CA LEU A 146 -4.82 15.07 -18.30
C LEU A 146 -3.42 14.56 -18.62
N HIS A 147 -3.05 13.41 -18.05
CA HIS A 147 -1.85 12.69 -18.42
C HIS A 147 -2.25 11.31 -18.94
N PHE A 148 -1.74 10.94 -20.13
CA PHE A 148 -2.14 9.69 -20.77
C PHE A 148 -1.09 9.27 -21.79
N ALA A 149 -1.32 8.08 -22.37
CA ALA A 149 -0.51 7.57 -23.47
C ALA A 149 -1.17 7.96 -24.79
N GLY A 150 -0.58 8.95 -25.48
CA GLY A 150 -1.16 9.49 -26.69
C GLY A 150 -0.55 8.89 -27.95
N VAL A 151 -0.49 9.70 -29.01
CA VAL A 151 0.15 9.32 -30.26
C VAL A 151 1.46 8.60 -29.94
N GLY A 152 1.61 7.39 -30.48
CA GLY A 152 2.84 6.63 -30.35
C GLY A 152 3.00 6.04 -28.95
N GLU A 153 1.91 6.03 -28.18
CA GLU A 153 1.89 5.49 -26.82
C GLU A 153 2.83 6.31 -25.93
N GLN A 154 3.04 7.59 -26.26
CA GLN A 154 4.01 8.42 -25.56
C GLN A 154 3.29 9.30 -24.54
N LYS A 155 3.99 9.63 -23.44
CA LYS A 155 3.41 10.43 -22.38
C LYS A 155 2.99 11.79 -22.93
N THR A 156 1.70 12.08 -22.83
CA THR A 156 1.14 13.36 -23.26
C THR A 156 0.50 14.02 -22.05
N SER A 157 0.83 15.30 -21.84
CA SER A 157 0.29 16.07 -20.72
C SER A 157 -0.47 17.27 -21.26
N LEU A 158 -1.76 17.36 -20.88
CA LEU A 158 -2.58 18.53 -21.14
C LEU A 158 -2.84 19.21 -19.79
N VAL A 159 -2.45 20.48 -19.66
CA VAL A 159 -2.56 21.20 -18.42
C VAL A 159 -3.24 22.53 -18.67
N GLU A 160 -4.23 22.86 -17.84
CA GLU A 160 -4.90 24.15 -17.90
C GLU A 160 -4.73 24.85 -16.55
N TRP A 161 -4.19 26.07 -16.57
CA TRP A 161 -3.98 26.86 -15.38
C TRP A 161 -5.14 27.84 -15.18
N PHE A 162 -5.47 28.11 -13.91
CA PHE A 162 -6.46 29.11 -13.58
C PHE A 162 -6.01 29.85 -12.32
N ASP A 163 -6.31 31.16 -12.29
CA ASP A 163 -6.04 31.99 -11.13
C ASP A 163 -7.37 32.35 -10.47
N ALA A 164 -7.62 31.75 -9.30
CA ALA A 164 -8.86 31.97 -8.58
C ALA A 164 -8.94 33.41 -8.10
N PRO A 165 -10.15 34.00 -8.02
CA PRO A 165 -10.30 35.38 -7.54
C PRO A 165 -9.90 35.54 -6.08
N VAL A 166 -10.16 34.50 -5.27
CA VAL A 166 -9.95 34.56 -3.83
C VAL A 166 -8.97 33.45 -3.44
N ASP A 167 -8.24 33.68 -2.33
CA ASP A 167 -7.38 32.67 -1.75
C ASP A 167 -8.24 31.50 -1.28
N LEU A 168 -7.96 30.31 -1.85
CA LEU A 168 -8.84 29.15 -1.73
C LEU A 168 -8.63 28.42 -0.41
N HIS A 169 -7.65 28.85 0.39
CA HIS A 169 -7.36 28.20 1.66
C HIS A 169 -8.20 28.79 2.80
N LEU A 170 -8.99 29.83 2.50
CA LEU A 170 -9.73 30.55 3.52
C LEU A 170 -11.12 29.94 3.73
N ASP A 171 -11.60 29.17 2.75
CA ASP A 171 -12.92 28.56 2.87
C ASP A 171 -12.97 27.29 2.02
N TYR A 172 -14.04 26.52 2.22
CA TYR A 172 -14.34 25.36 1.38
C TYR A 172 -14.72 25.84 -0.01
N HIS A 173 -14.26 25.12 -1.03
CA HIS A 173 -14.64 25.37 -2.42
C HIS A 173 -15.03 24.06 -3.07
N LEU A 174 -15.82 24.14 -4.15
CA LEU A 174 -16.28 22.97 -4.87
C LEU A 174 -15.38 22.74 -6.08
N TYR A 175 -14.71 21.58 -6.10
CA TYR A 175 -13.86 21.18 -7.21
C TYR A 175 -14.50 19.97 -7.90
N LYS A 176 -14.78 20.12 -9.19
CA LYS A 176 -15.61 19.15 -9.89
C LYS A 176 -15.01 18.80 -11.25
N ILE A 177 -15.31 17.58 -11.71
CA ILE A 177 -15.13 17.17 -13.09
C ILE A 177 -16.50 16.77 -13.64
N SER A 178 -16.78 17.18 -14.88
CA SER A 178 -17.91 16.65 -15.64
C SER A 178 -17.36 15.82 -16.79
N TRP A 179 -17.70 14.53 -16.78
CA TRP A 179 -17.08 13.54 -17.66
C TRP A 179 -18.16 12.85 -18.48
N THR A 180 -18.19 13.16 -19.78
CA THR A 180 -19.16 12.58 -20.70
C THR A 180 -18.40 11.80 -21.76
N PRO A 181 -19.10 11.07 -22.67
CA PRO A 181 -18.44 10.41 -23.79
C PRO A 181 -17.67 11.31 -24.74
N THR A 182 -17.92 12.63 -24.69
CA THR A 182 -17.30 13.55 -25.64
C THR A 182 -16.16 14.35 -24.98
N HIS A 183 -16.24 14.64 -23.68
CA HIS A 183 -15.30 15.59 -23.08
C HIS A 183 -15.11 15.32 -21.58
N MET A 184 -14.03 15.93 -21.05
CA MET A 184 -13.83 16.10 -19.63
C MET A 184 -13.69 17.59 -19.33
N LYS A 185 -14.51 18.08 -18.39
CA LYS A 185 -14.54 19.49 -18.01
C LYS A 185 -14.27 19.61 -16.52
N PHE A 186 -13.61 20.70 -16.10
CA PHE A 186 -13.22 20.92 -14.72
C PHE A 186 -13.76 22.27 -14.24
N PHE A 187 -14.21 22.31 -12.98
CA PHE A 187 -14.94 23.45 -12.45
C PHE A 187 -14.42 23.84 -11.07
N LEU A 188 -14.44 25.16 -10.81
CA LEU A 188 -14.30 25.71 -9.47
C LEU A 188 -15.58 26.45 -9.11
N ASP A 189 -16.31 25.93 -8.12
CA ASP A 189 -17.56 26.51 -7.67
C ASP A 189 -18.53 26.67 -8.85
N GLY A 190 -18.62 25.61 -9.68
CA GLY A 190 -19.63 25.55 -10.72
C GLY A 190 -19.21 26.25 -12.01
N LYS A 191 -18.07 26.96 -11.99
CA LYS A 191 -17.59 27.67 -13.16
C LYS A 191 -16.43 26.91 -13.79
N GLU A 192 -16.54 26.64 -15.10
CA GLU A 192 -15.58 25.83 -15.84
C GLU A 192 -14.27 26.61 -16.01
N PHE A 193 -13.14 25.95 -15.74
CA PHE A 193 -11.83 26.54 -15.97
C PHE A 193 -10.94 25.62 -16.83
N GLY A 194 -11.44 24.44 -17.22
CA GLY A 194 -10.71 23.53 -18.07
C GLY A 194 -11.65 22.62 -18.85
N SER A 195 -11.25 22.27 -20.09
CA SER A 195 -12.04 21.40 -20.94
C SER A 195 -11.19 20.78 -22.04
N TRP A 196 -11.42 19.49 -22.29
CA TRP A 196 -10.78 18.78 -23.39
C TRP A 196 -11.75 17.79 -24.01
N ASP A 197 -11.74 17.70 -25.34
CA ASP A 197 -12.43 16.65 -26.08
C ASP A 197 -11.64 15.36 -25.89
N ILE A 198 -12.34 14.24 -25.68
CA ILE A 198 -11.70 12.97 -25.41
C ILE A 198 -12.17 11.90 -26.41
N THR A 199 -12.67 12.33 -27.58
CA THR A 199 -13.18 11.40 -28.58
C THR A 199 -12.05 10.91 -29.48
N ALA A 200 -10.87 11.55 -29.40
CA ALA A 200 -9.74 11.20 -30.26
C ALA A 200 -9.33 9.75 -30.03
N SER A 201 -8.77 9.13 -31.06
CA SER A 201 -8.45 7.71 -31.05
C SER A 201 -7.37 7.40 -30.02
N GLU A 202 -6.49 8.37 -29.76
CA GLU A 202 -5.37 8.15 -28.84
C GLU A 202 -5.76 8.41 -27.40
N MET A 203 -7.03 8.76 -27.15
CA MET A 203 -7.51 9.06 -25.81
C MET A 203 -8.59 8.06 -25.39
N LYS A 204 -8.46 6.80 -25.84
CA LYS A 204 -9.42 5.75 -25.53
C LYS A 204 -9.32 5.34 -24.06
N GLU A 205 -8.24 5.76 -23.39
CA GLU A 205 -7.99 5.40 -22.01
C GLU A 205 -8.98 6.12 -21.09
N TYR A 206 -9.65 7.17 -21.59
CA TYR A 206 -10.63 7.90 -20.81
C TYR A 206 -12.04 7.41 -21.10
N HIS A 207 -12.16 6.18 -21.64
CA HIS A 207 -13.46 5.52 -21.75
C HIS A 207 -13.38 4.17 -21.02
N GLN A 208 -12.88 4.23 -19.78
CA GLN A 208 -12.91 3.11 -18.85
C GLN A 208 -13.24 3.66 -17.46
N PRO A 209 -13.52 2.80 -16.46
CA PRO A 209 -13.68 3.28 -15.08
C PRO A 209 -12.42 3.94 -14.50
N PHE A 210 -12.63 5.00 -13.70
CA PHE A 210 -11.57 5.67 -12.96
C PHE A 210 -11.95 5.70 -11.49
N TYR A 211 -10.94 5.86 -10.61
CA TYR A 211 -11.17 5.96 -9.18
C TYR A 211 -10.50 7.24 -8.66
N PRO A 212 -11.11 7.94 -7.67
CA PRO A 212 -10.53 9.16 -7.11
C PRO A 212 -9.41 8.94 -6.08
N ILE A 213 -8.58 9.98 -5.93
CA ILE A 213 -7.41 9.97 -5.06
C ILE A 213 -7.34 11.32 -4.36
N LEU A 214 -6.99 11.30 -3.07
CA LEU A 214 -6.78 12.52 -2.31
C LEU A 214 -5.46 12.40 -1.56
N ASN A 215 -4.68 13.49 -1.53
CA ASN A 215 -3.39 13.47 -0.85
C ASN A 215 -2.94 14.90 -0.55
N VAL A 216 -1.91 15.01 0.29
CA VAL A 216 -1.22 16.27 0.53
C VAL A 216 0.28 16.00 0.49
N ALA A 217 0.90 16.29 -0.66
CA ALA A 217 2.31 16.09 -0.84
C ALA A 217 3.09 17.28 -0.26
N VAL A 218 4.36 17.03 0.07
CA VAL A 218 5.26 18.05 0.56
C VAL A 218 6.51 18.04 -0.31
N GLY A 219 6.65 19.06 -1.15
CA GLY A 219 7.84 19.26 -1.95
C GLY A 219 7.86 18.36 -3.17
N SER A 220 8.98 18.42 -3.91
CA SER A 220 9.17 17.72 -5.16
C SER A 220 10.57 18.04 -5.69
N TRP A 221 11.00 17.31 -6.73
CA TRP A 221 12.21 17.66 -7.46
C TRP A 221 12.08 19.11 -7.94
N THR A 222 13.23 19.78 -8.12
CA THR A 222 13.25 21.17 -8.54
C THR A 222 12.52 21.31 -9.88
N HIS A 223 12.67 20.28 -10.75
CA HIS A 223 12.08 20.31 -12.07
C HIS A 223 10.63 19.83 -12.05
N SER A 224 10.14 19.41 -10.87
CA SER A 224 8.77 18.95 -10.70
C SER A 224 7.88 20.10 -10.24
N TYR A 225 6.79 19.80 -9.53
CA TYR A 225 5.67 20.74 -9.41
C TYR A 225 5.99 21.92 -8.49
N THR A 226 6.62 21.66 -7.34
CA THR A 226 6.78 22.69 -6.30
C THR A 226 8.06 23.48 -6.51
N GLY A 227 9.10 22.82 -7.00
CA GLY A 227 10.41 23.44 -7.20
C GLY A 227 11.24 23.44 -5.93
N LEU A 228 10.80 22.70 -4.90
CA LEU A 228 11.44 22.74 -3.59
C LEU A 228 11.71 21.31 -3.13
N ASP A 229 13.00 20.91 -3.10
CA ASP A 229 13.38 19.50 -3.09
C ASP A 229 14.08 19.07 -1.80
N THR A 230 14.24 19.97 -0.82
CA THR A 230 14.81 19.59 0.46
C THR A 230 13.88 20.06 1.58
N PRO A 231 13.92 19.39 2.76
CA PRO A 231 13.11 19.81 3.91
C PRO A 231 13.27 21.27 4.30
N GLU A 232 14.50 21.80 4.12
CA GLU A 232 14.84 23.13 4.58
C GLU A 232 14.19 24.19 3.68
N LYS A 233 13.81 23.80 2.46
CA LYS A 233 13.19 24.72 1.52
C LYS A 233 11.68 24.80 1.70
N ILE A 234 11.11 23.95 2.57
CA ILE A 234 9.68 23.96 2.85
C ILE A 234 9.42 24.99 3.94
N THR A 235 8.69 26.06 3.60
CA THR A 235 8.47 27.17 4.50
C THR A 235 7.01 27.24 4.94
N ALA A 236 6.19 26.28 4.49
CA ALA A 236 4.75 26.31 4.74
C ALA A 236 4.46 26.02 6.21
N THR A 237 3.29 26.50 6.67
CA THR A 237 2.83 26.23 8.01
C THR A 237 2.52 24.74 8.13
N LEU A 238 3.13 24.10 9.14
CA LEU A 238 2.90 22.70 9.43
C LEU A 238 2.56 22.57 10.92
N PRO A 239 1.60 21.71 11.31
CA PRO A 239 0.85 20.86 10.38
C PRO A 239 -0.01 21.63 9.37
N ALA A 240 -0.15 21.06 8.17
CA ALA A 240 -1.04 21.57 7.15
C ALA A 240 -2.19 20.59 6.94
N ARG A 241 -3.43 21.10 7.02
CA ARG A 241 -4.61 20.26 7.00
C ARG A 241 -5.48 20.57 5.79
N MET A 242 -5.84 19.51 5.05
CA MET A 242 -6.86 19.61 4.01
C MET A 242 -8.15 19.01 4.53
N TYR A 243 -9.20 19.84 4.60
CA TYR A 243 -10.52 19.41 5.04
C TYR A 243 -11.34 19.03 3.82
N VAL A 244 -11.95 17.85 3.86
CA VAL A 244 -12.86 17.41 2.81
C VAL A 244 -14.21 17.11 3.46
N ASP A 245 -15.18 17.98 3.19
CA ASP A 245 -16.51 17.86 3.76
C ASP A 245 -17.22 16.67 3.13
N TRP A 246 -17.12 16.55 1.81
CA TRP A 246 -17.69 15.41 1.12
C TRP A 246 -17.07 15.23 -0.26
N ILE A 247 -17.31 14.05 -0.84
CA ILE A 247 -17.10 13.79 -2.24
C ILE A 247 -18.30 12.98 -2.74
N ARG A 248 -18.92 13.45 -3.83
CA ARG A 248 -20.17 12.89 -4.33
C ARG A 248 -20.05 12.63 -5.83
N LEU A 249 -20.76 11.59 -6.30
CA LEU A 249 -20.86 11.29 -7.72
C LEU A 249 -22.27 11.57 -8.19
N TYR A 250 -22.42 12.59 -9.05
CA TYR A 250 -23.70 12.91 -9.67
C TYR A 250 -23.81 12.13 -10.97
N GLY A 251 -24.72 11.15 -10.99
CA GLY A 251 -24.81 10.20 -12.09
C GLY A 251 -25.31 10.84 -13.37
N HIS A 252 -24.81 10.30 -14.50
CA HIS A 252 -25.39 10.56 -15.81
C HIS A 252 -26.14 9.31 -16.26
N PRO A 253 -27.01 9.40 -17.30
CA PRO A 253 -27.61 8.20 -17.88
C PRO A 253 -26.57 7.15 -18.27
N GLU A 254 -25.41 7.61 -18.75
CA GLU A 254 -24.40 6.74 -19.32
C GLU A 254 -23.42 6.24 -18.25
N THR A 255 -23.62 6.65 -16.99
CA THR A 255 -22.68 6.34 -15.93
C THR A 255 -22.65 4.83 -15.68
N LYS A 256 -21.43 4.28 -15.61
CA LYS A 256 -21.21 2.90 -15.21
C LYS A 256 -20.57 2.91 -13.84
N LEU A 257 -21.23 2.29 -12.85
CA LEU A 257 -20.77 2.29 -11.48
C LEU A 257 -20.13 0.93 -11.16
N VAL A 258 -18.97 0.96 -10.52
CA VAL A 258 -18.25 -0.24 -10.12
C VAL A 258 -18.07 -0.21 -8.61
N GLN A 259 -18.68 -1.20 -7.94
CA GLN A 259 -18.54 -1.38 -6.50
C GLN A 259 -18.36 -2.85 -6.19
N ASN A 260 -17.69 -3.14 -5.06
CA ASN A 260 -17.38 -4.50 -4.65
C ASN A 260 -17.51 -4.61 -3.12
N ASN B 7 -6.36 -21.18 24.32
CA ASN B 7 -6.81 -19.83 24.78
C ASN B 7 -6.68 -18.87 23.61
N VAL B 8 -7.57 -19.01 22.62
CA VAL B 8 -7.54 -18.18 21.42
C VAL B 8 -8.17 -16.83 21.76
N ILE B 9 -7.38 -15.76 21.61
CA ILE B 9 -7.84 -14.42 21.94
C ILE B 9 -7.94 -13.57 20.67
N TRP B 10 -7.44 -14.11 19.55
CA TRP B 10 -7.54 -13.47 18.25
C TRP B 10 -7.33 -14.52 17.17
N SER B 11 -8.07 -14.42 16.06
CA SER B 11 -7.93 -15.36 14.98
C SER B 11 -8.52 -14.84 13.67
N GLN B 12 -8.13 -15.50 12.58
CA GLN B 12 -8.81 -15.41 11.31
C GLN B 12 -9.02 -16.84 10.80
N GLU B 13 -10.29 -17.25 10.68
CA GLU B 13 -10.64 -18.59 10.22
C GLU B 13 -10.91 -18.59 8.71
N PHE B 14 -10.95 -17.39 8.12
CA PHE B 14 -11.11 -17.20 6.68
C PHE B 14 -12.41 -17.84 6.23
N ASP B 15 -13.47 -17.48 6.94
CA ASP B 15 -14.77 -18.12 6.83
C ASP B 15 -15.58 -17.51 5.69
N GLY B 16 -15.43 -16.20 5.46
CA GLY B 16 -16.29 -15.48 4.53
C GLY B 16 -15.98 -15.81 3.07
N GLU B 17 -16.36 -14.89 2.18
CA GLU B 17 -16.05 -15.02 0.76
C GLU B 17 -15.17 -13.86 0.30
N SER B 18 -14.78 -12.98 1.24
CA SER B 18 -13.87 -11.88 0.96
C SER B 18 -13.04 -11.57 2.21
N LEU B 19 -11.80 -11.13 2.00
CA LEU B 19 -10.88 -10.84 3.08
C LEU B 19 -11.36 -9.59 3.82
N ASP B 20 -11.28 -9.63 5.16
CA ASP B 20 -11.79 -8.56 6.00
C ASP B 20 -10.81 -7.39 6.01
N ARG B 21 -11.19 -6.29 5.36
CA ARG B 21 -10.31 -5.15 5.18
C ARG B 21 -10.19 -4.32 6.47
N ASN B 22 -11.01 -4.64 7.48
CA ASN B 22 -10.87 -4.03 8.80
C ASN B 22 -9.86 -4.81 9.64
N VAL B 23 -9.25 -5.84 9.05
CA VAL B 23 -8.13 -6.54 9.67
C VAL B 23 -6.90 -6.43 8.78
N TRP B 24 -7.07 -6.64 7.46
CA TRP B 24 -5.93 -6.81 6.56
C TRP B 24 -5.71 -5.58 5.68
N SER B 25 -4.44 -5.37 5.31
CA SER B 25 -4.04 -4.41 4.30
C SER B 25 -3.13 -5.08 3.28
N TYR B 26 -3.09 -4.52 2.05
CA TYR B 26 -2.28 -5.05 0.97
C TYR B 26 -1.06 -4.16 0.75
N ASP B 27 0.13 -4.78 0.82
CA ASP B 27 1.32 -4.20 0.24
C ASP B 27 1.24 -4.33 -1.28
N VAL B 28 1.16 -3.19 -1.96
CA VAL B 28 1.03 -3.14 -3.41
C VAL B 28 2.33 -2.60 -3.99
N GLY B 29 2.76 -3.19 -5.11
CA GLY B 29 3.98 -2.78 -5.79
C GLY B 29 4.66 -3.97 -6.47
N GLY B 30 5.64 -3.66 -7.33
CA GLY B 30 6.44 -4.67 -8.00
C GLY B 30 7.89 -4.25 -8.11
N HIS B 31 8.42 -3.70 -7.01
CA HIS B 31 9.72 -3.04 -7.00
C HIS B 31 10.77 -3.91 -6.29
N GLY B 32 10.41 -5.14 -5.91
CA GLY B 32 11.38 -6.11 -5.42
C GLY B 32 11.39 -6.24 -3.90
N PHE B 33 10.85 -5.24 -3.20
CA PHE B 33 10.65 -5.28 -1.75
C PHE B 33 11.99 -5.55 -1.04
N GLY B 34 13.07 -4.96 -1.57
CA GLY B 34 14.37 -5.00 -0.93
C GLY B 34 15.10 -6.33 -1.10
N ASN B 35 14.60 -7.19 -2.01
CA ASN B 35 15.18 -8.51 -2.21
C ASN B 35 15.26 -8.88 -3.69
N GLY B 36 14.92 -7.94 -4.59
CA GLY B 36 14.93 -8.21 -6.02
C GLY B 36 13.85 -9.21 -6.44
N GLN B 37 12.73 -9.22 -5.70
CA GLN B 37 11.61 -10.10 -5.99
C GLN B 37 10.96 -9.66 -7.30
N LEU B 38 10.41 -10.62 -8.05
CA LEU B 38 9.96 -10.36 -9.41
C LEU B 38 8.45 -10.14 -9.45
N GLU B 39 7.73 -10.56 -8.40
CA GLU B 39 6.28 -10.52 -8.41
C GLU B 39 5.80 -9.10 -8.14
N PHE B 40 4.69 -8.72 -8.80
CA PHE B 40 3.94 -7.54 -8.44
C PHE B 40 2.83 -7.98 -7.48
N ASN B 41 2.90 -7.49 -6.24
CA ASN B 41 1.89 -7.80 -5.24
C ASN B 41 0.72 -6.85 -5.44
N THR B 42 -0.48 -7.41 -5.60
CA THR B 42 -1.67 -6.63 -5.94
C THR B 42 -2.72 -6.79 -4.85
N ASP B 43 -3.79 -6.02 -4.99
CA ASP B 43 -4.93 -6.06 -4.08
C ASP B 43 -6.13 -6.67 -4.80
N ARG B 44 -5.86 -7.58 -5.75
CA ARG B 44 -6.88 -8.11 -6.63
C ARG B 44 -7.39 -9.46 -6.11
N PRO B 45 -8.65 -9.83 -6.43
CA PRO B 45 -9.17 -11.15 -6.09
C PRO B 45 -8.42 -12.31 -6.75
N GLU B 46 -7.73 -12.04 -7.86
CA GLU B 46 -6.96 -13.05 -8.57
C GLU B 46 -5.85 -13.61 -7.67
N ASN B 47 -5.24 -12.73 -6.87
CA ASN B 47 -4.02 -13.06 -6.14
C ASN B 47 -4.30 -13.37 -4.68
N ALA B 48 -5.42 -12.85 -4.15
CA ALA B 48 -5.79 -13.10 -2.76
C ALA B 48 -7.31 -13.16 -2.64
N TYR B 49 -7.82 -14.29 -2.12
CA TYR B 49 -9.26 -14.54 -2.06
C TYR B 49 -9.56 -15.64 -1.05
N LEU B 50 -10.80 -15.66 -0.57
CA LEU B 50 -11.29 -16.65 0.38
C LEU B 50 -12.18 -17.66 -0.33
N ARG B 51 -12.15 -18.91 0.17
CA ARG B 51 -12.76 -20.03 -0.51
C ARG B 51 -12.74 -21.25 0.41
N ASP B 52 -13.92 -21.78 0.74
CA ASP B 52 -14.04 -23.03 1.47
C ASP B 52 -13.24 -23.00 2.77
N GLY B 53 -13.33 -21.88 3.50
CA GLY B 53 -12.73 -21.76 4.82
C GLY B 53 -11.22 -21.55 4.77
N ASN B 54 -10.71 -21.10 3.62
CA ASN B 54 -9.27 -20.90 3.42
C ASN B 54 -9.01 -19.52 2.81
N LEU B 55 -7.91 -18.89 3.25
CA LEU B 55 -7.29 -17.82 2.50
C LEU B 55 -6.39 -18.45 1.44
N VAL B 56 -6.49 -17.95 0.20
CA VAL B 56 -5.67 -18.43 -0.89
C VAL B 56 -4.90 -17.25 -1.47
N ILE B 57 -3.57 -17.27 -1.30
CA ILE B 57 -2.69 -16.37 -2.02
C ILE B 57 -2.15 -17.10 -3.23
N GLU B 58 -2.37 -16.53 -4.42
CA GLU B 58 -2.06 -17.17 -5.68
C GLU B 58 -1.06 -16.32 -6.46
N ALA B 59 0.14 -16.89 -6.71
CA ALA B 59 1.10 -16.30 -7.62
C ALA B 59 0.87 -16.84 -9.03
N ARG B 60 1.01 -15.96 -10.04
CA ARG B 60 0.71 -16.31 -11.41
C ARG B 60 1.78 -15.73 -12.33
N ARG B 61 2.13 -16.48 -13.39
CA ARG B 61 2.95 -15.96 -14.48
C ARG B 61 2.04 -15.12 -15.36
N GLU B 62 2.28 -13.80 -15.38
CA GLU B 62 1.33 -12.86 -15.92
C GLU B 62 2.00 -11.49 -16.04
N ALA B 63 1.84 -10.84 -17.20
CA ALA B 63 2.34 -9.50 -17.43
C ALA B 63 1.46 -8.52 -16.67
N TYR B 64 2.05 -7.79 -15.72
CA TYR B 64 1.31 -6.86 -14.88
C TYR B 64 2.26 -5.79 -14.34
N GLY B 65 1.94 -4.52 -14.61
CA GLY B 65 2.57 -3.38 -13.99
C GLY B 65 4.08 -3.32 -14.23
N GLY B 66 4.55 -3.96 -15.32
CA GLY B 66 5.97 -4.00 -15.64
C GLY B 66 6.63 -5.32 -15.26
N ASN B 67 5.92 -6.14 -14.46
CA ASN B 67 6.47 -7.38 -13.93
C ASN B 67 5.93 -8.56 -14.72
N ALA B 68 6.55 -9.73 -14.51
CA ALA B 68 6.20 -10.95 -15.22
C ALA B 68 5.38 -11.89 -14.32
N PHE B 69 5.15 -11.48 -13.07
CA PHE B 69 4.40 -12.30 -12.12
C PHE B 69 3.54 -11.39 -11.23
N THR B 70 2.36 -11.91 -10.85
CA THR B 70 1.54 -11.30 -9.82
C THR B 70 1.48 -12.23 -8.61
N SER B 71 1.24 -11.64 -7.44
CA SER B 71 0.98 -12.38 -6.22
C SER B 71 0.32 -11.42 -5.22
N ALA B 72 0.41 -11.75 -3.93
CA ALA B 72 -0.12 -10.89 -2.87
C ALA B 72 0.76 -10.94 -1.64
N ARG B 73 0.66 -9.88 -0.83
CA ARG B 73 1.46 -9.69 0.36
C ARG B 73 0.64 -8.90 1.36
N ILE B 74 0.08 -9.58 2.36
CA ILE B 74 -0.90 -8.99 3.25
C ILE B 74 -0.38 -8.97 4.69
N HIS B 75 -0.91 -8.04 5.49
CA HIS B 75 -0.50 -7.84 6.87
C HIS B 75 -1.64 -7.21 7.66
N THR B 76 -1.48 -7.14 8.99
CA THR B 76 -2.53 -6.64 9.88
C THR B 76 -2.04 -5.41 10.63
N ARG B 77 -1.04 -4.71 10.09
CA ARG B 77 -0.50 -3.53 10.74
C ARG B 77 -1.59 -2.47 10.88
N GLY B 78 -1.76 -1.97 12.12
CA GLY B 78 -2.72 -0.92 12.38
C GLY B 78 -4.05 -1.47 12.90
N ARG B 79 -4.32 -2.76 12.63
CA ARG B 79 -5.57 -3.39 13.02
C ARG B 79 -5.30 -4.47 14.07
N PHE B 80 -4.18 -5.19 13.94
CA PHE B 80 -3.83 -6.22 14.90
C PHE B 80 -2.32 -6.27 15.10
N ALA B 81 -1.90 -6.17 16.37
CA ALA B 81 -0.54 -6.47 16.79
C ALA B 81 -0.59 -7.06 18.20
N PHE B 82 0.50 -7.73 18.61
CA PHE B 82 0.55 -8.35 19.92
C PHE B 82 2.00 -8.46 20.38
N GLN B 83 2.19 -8.54 21.71
CA GLN B 83 3.49 -8.75 22.32
C GLN B 83 3.42 -9.94 23.27
N TYR B 84 4.10 -11.03 22.88
CA TYR B 84 4.15 -12.28 23.63
C TYR B 84 2.92 -13.12 23.31
N GLY B 85 3.16 -14.43 23.12
CA GLY B 85 2.09 -15.37 22.82
C GLY B 85 2.55 -16.44 21.83
N ASP B 86 1.67 -17.40 21.57
CA ASP B 86 1.87 -18.38 20.51
C ASP B 86 1.02 -17.99 19.31
N LEU B 87 1.67 -17.63 18.21
CA LEU B 87 0.98 -17.36 16.95
C LEU B 87 1.20 -18.56 16.03
N GLU B 88 0.12 -19.24 15.66
CA GLU B 88 0.17 -20.44 14.85
C GLU B 88 -0.70 -20.25 13.62
N ALA B 89 -0.23 -20.80 12.49
CA ALA B 89 -1.01 -20.79 11.26
C ALA B 89 -0.98 -22.18 10.61
N ARG B 90 -2.14 -22.60 10.11
CA ARG B 90 -2.27 -23.86 9.40
C ARG B 90 -2.20 -23.57 7.90
N ILE B 91 -1.10 -24.01 7.26
CA ILE B 91 -0.75 -23.58 5.92
C ILE B 91 -0.38 -24.81 5.08
N LYS B 92 -0.92 -24.85 3.85
CA LYS B 92 -0.43 -25.73 2.81
C LYS B 92 0.30 -24.89 1.77
N VAL B 93 1.63 -24.93 1.82
CA VAL B 93 2.47 -24.16 0.92
C VAL B 93 2.43 -24.81 -0.47
N PRO B 94 2.54 -24.02 -1.56
CA PRO B 94 2.61 -24.59 -2.91
C PRO B 94 3.96 -25.25 -3.16
N ASP B 95 4.04 -26.04 -4.24
CA ASP B 95 5.31 -26.57 -4.71
C ASP B 95 6.18 -25.39 -5.12
N THR B 96 7.21 -25.13 -4.31
CA THR B 96 8.15 -24.04 -4.55
C THR B 96 9.09 -24.38 -5.71
N SER B 97 9.17 -25.67 -6.08
CA SER B 97 10.32 -26.19 -6.81
C SER B 97 10.86 -25.18 -7.82
N ASP B 98 11.82 -24.38 -7.34
CA ASP B 98 12.63 -23.46 -8.13
C ASP B 98 11.88 -22.17 -8.46
N GLY B 99 11.89 -21.22 -7.50
CA GLY B 99 11.49 -19.85 -7.76
C GLY B 99 10.55 -19.27 -6.71
N ILE B 100 9.61 -20.09 -6.23
CA ILE B 100 8.56 -19.61 -5.34
C ILE B 100 9.11 -19.54 -3.92
N TRP B 101 8.71 -18.47 -3.23
CA TRP B 101 9.27 -18.10 -1.94
C TRP B 101 8.14 -17.62 -1.02
N PRO B 102 7.32 -18.55 -0.47
CA PRO B 102 6.26 -18.19 0.46
C PRO B 102 6.84 -17.92 1.85
N ALA B 103 6.15 -17.09 2.62
CA ALA B 103 6.65 -16.68 3.92
C ALA B 103 5.49 -16.37 4.87
N PHE B 104 5.69 -16.76 6.13
CA PHE B 104 4.85 -16.34 7.24
C PHE B 104 5.77 -15.73 8.28
N TRP B 105 5.56 -14.45 8.59
CA TRP B 105 6.55 -13.68 9.33
C TRP B 105 5.90 -12.44 9.96
N MET B 106 6.69 -11.71 10.77
CA MET B 106 6.18 -10.58 11.52
C MET B 106 7.19 -9.42 11.49
N LEU B 107 6.66 -8.21 11.69
CA LEU B 107 7.48 -7.01 11.85
C LEU B 107 7.06 -6.31 13.14
N GLY B 108 7.99 -5.55 13.73
CA GLY B 108 7.64 -4.66 14.83
C GLY B 108 6.55 -3.68 14.41
N ASN B 109 5.70 -3.31 15.36
CA ASN B 109 4.50 -2.53 15.08
C ASN B 109 4.84 -1.05 14.93
N ASN B 110 6.12 -0.70 15.14
CA ASN B 110 6.59 0.66 14.94
C ASN B 110 7.07 0.85 13.49
N PHE B 111 7.08 -0.22 12.70
CA PHE B 111 7.39 -0.13 11.29
C PHE B 111 6.17 0.43 10.55
N PRO B 112 6.32 1.28 9.51
CA PRO B 112 7.63 1.73 9.01
C PRO B 112 8.20 3.03 9.57
N GLY B 113 7.59 3.57 10.62
CA GLY B 113 8.10 4.75 11.29
C GLY B 113 9.54 4.56 11.74
N THR B 114 9.77 3.48 12.49
CA THR B 114 11.12 2.98 12.74
C THR B 114 11.53 2.13 11.55
N VAL B 115 12.70 2.46 10.97
CA VAL B 115 13.16 1.83 9.75
C VAL B 115 13.59 0.39 10.05
N TRP B 116 13.60 -0.44 9.00
CA TRP B 116 14.09 -1.80 9.06
C TRP B 116 15.62 -1.77 9.07
N PRO B 117 16.33 -2.63 9.84
CA PRO B 117 15.72 -3.65 10.71
C PRO B 117 15.52 -3.27 12.18
N LYS B 118 15.62 -1.97 12.49
CA LYS B 118 15.49 -1.52 13.87
C LYS B 118 14.11 -1.86 14.43
N CYS B 119 13.09 -1.87 13.55
CA CYS B 119 11.74 -2.24 13.94
C CYS B 119 11.68 -3.67 14.45
N GLY B 120 12.50 -4.56 13.86
CA GLY B 120 12.55 -5.95 14.26
C GLY B 120 11.77 -6.84 13.30
N GLU B 121 12.31 -8.04 13.03
CA GLU B 121 11.68 -8.99 12.14
C GLU B 121 11.79 -10.39 12.75
N ALA B 122 10.69 -11.15 12.66
CA ALA B 122 10.68 -12.55 13.03
C ALA B 122 10.02 -13.35 11.91
N ASP B 123 10.82 -14.18 11.23
CA ASP B 123 10.32 -15.06 10.19
C ASP B 123 9.99 -16.41 10.81
N ILE B 124 8.70 -16.78 10.75
CA ILE B 124 8.22 -18.03 11.32
C ILE B 124 8.43 -19.15 10.31
N LEU B 125 8.06 -18.88 9.06
CA LEU B 125 8.22 -19.83 7.97
C LEU B 125 8.78 -19.11 6.75
N GLU B 126 9.90 -19.63 6.24
CA GLU B 126 10.36 -19.35 4.89
C GLU B 126 10.74 -20.68 4.24
N ILE B 127 10.48 -20.79 2.94
CA ILE B 127 10.78 -22.00 2.20
C ILE B 127 11.01 -21.61 0.74
N GLY B 128 11.82 -22.43 0.04
CA GLY B 128 12.13 -22.21 -1.37
C GLY B 128 13.50 -21.54 -1.55
N GLY B 129 14.41 -21.77 -0.60
CA GLY B 129 15.73 -21.15 -0.61
C GLY B 129 16.66 -21.82 -1.59
N LYS B 130 17.76 -21.14 -1.92
CA LYS B 130 18.67 -21.58 -2.97
C LYS B 130 19.46 -22.81 -2.53
N ASP B 131 19.79 -22.91 -1.24
CA ASP B 131 20.51 -24.06 -0.71
C ASP B 131 19.62 -25.29 -0.80
N GLY B 132 18.31 -25.09 -0.58
CA GLY B 132 17.33 -26.15 -0.72
C GLY B 132 17.27 -26.68 -2.15
N ILE B 133 17.37 -25.76 -3.13
CA ILE B 133 17.33 -26.13 -4.54
C ILE B 133 18.56 -26.98 -4.87
N ALA B 134 19.74 -26.47 -4.49
CA ALA B 134 21.01 -27.12 -4.79
C ALA B 134 21.05 -28.54 -4.23
N LYS B 135 20.57 -28.69 -2.99
CA LYS B 135 20.64 -29.97 -2.28
C LYS B 135 19.46 -30.87 -2.62
N GLY B 136 18.51 -30.35 -3.41
CA GLY B 136 17.37 -31.13 -3.87
C GLY B 136 16.33 -31.36 -2.78
N LEU B 137 16.16 -30.37 -1.89
CA LEU B 137 15.22 -30.48 -0.78
C LEU B 137 14.23 -29.32 -0.84
N GLN B 138 13.65 -29.10 -2.03
CA GLN B 138 12.93 -27.87 -2.31
C GLN B 138 11.75 -27.69 -1.36
N ASN B 139 11.00 -28.76 -1.09
CA ASN B 139 9.79 -28.65 -0.28
C ASN B 139 10.00 -29.25 1.10
N ARG B 140 11.27 -29.37 1.53
CA ARG B 140 11.61 -29.94 2.81
C ARG B 140 12.39 -28.94 3.66
N GLN B 141 13.38 -28.26 3.06
CA GLN B 141 14.25 -27.36 3.80
C GLN B 141 13.56 -26.02 4.00
N ILE B 142 13.32 -25.67 5.27
CA ILE B 142 12.74 -24.40 5.66
C ILE B 142 13.71 -23.67 6.57
N ASN B 143 13.34 -22.44 6.97
CA ASN B 143 14.05 -21.71 8.00
C ASN B 143 13.08 -20.83 8.79
N CYS B 144 13.45 -20.55 10.05
CA CYS B 144 12.99 -19.38 10.77
C CYS B 144 14.16 -18.41 10.86
N ALA B 145 13.91 -17.17 11.30
CA ALA B 145 14.95 -16.17 11.35
C ALA B 145 14.56 -14.99 12.24
N LEU B 146 15.58 -14.33 12.79
CA LEU B 146 15.45 -13.04 13.43
C LEU B 146 16.37 -12.06 12.70
N HIS B 147 15.81 -10.94 12.24
CA HIS B 147 16.58 -9.82 11.73
C HIS B 147 16.28 -8.59 12.59
N PHE B 148 17.33 -7.90 13.05
CA PHE B 148 17.15 -6.78 13.96
C PHE B 148 18.39 -5.88 13.95
N ALA B 149 18.32 -4.77 14.68
CA ALA B 149 19.46 -3.89 14.90
C ALA B 149 20.16 -4.28 16.21
N GLY B 150 21.32 -4.92 16.11
CA GLY B 150 22.04 -5.42 17.27
C GLY B 150 23.45 -4.85 17.34
N VAL B 151 23.95 -4.67 18.57
CA VAL B 151 25.27 -4.12 18.86
C VAL B 151 25.65 -3.09 17.81
N GLY B 152 25.29 -1.82 18.06
CA GLY B 152 25.40 -0.78 17.05
C GLY B 152 24.35 -0.98 15.97
N GLU B 153 23.42 -0.02 15.87
CA GLU B 153 22.26 -0.12 14.99
C GLU B 153 22.68 -0.50 13.56
N GLN B 154 22.84 -1.81 13.34
CA GLN B 154 23.13 -2.38 12.04
C GLN B 154 22.68 -3.83 12.02
N LYS B 155 22.43 -4.35 10.82
CA LYS B 155 21.68 -5.58 10.62
C LYS B 155 22.41 -6.76 11.25
N THR B 156 21.73 -7.42 12.19
CA THR B 156 22.13 -8.74 12.69
C THR B 156 21.08 -9.76 12.26
N SER B 157 21.53 -10.90 11.71
CA SER B 157 20.64 -11.95 11.26
C SER B 157 20.95 -13.25 12.00
N LEU B 158 19.91 -13.82 12.63
CA LEU B 158 19.97 -15.16 13.19
C LEU B 158 19.05 -16.05 12.35
N VAL B 159 19.61 -17.12 11.79
CA VAL B 159 18.85 -18.01 10.92
C VAL B 159 19.07 -19.46 11.38
N GLU B 160 17.96 -20.21 11.49
CA GLU B 160 18.02 -21.62 11.80
C GLU B 160 17.34 -22.40 10.68
N TRP B 161 18.06 -23.38 10.12
CA TRP B 161 17.55 -24.21 9.03
C TRP B 161 17.01 -25.53 9.60
N PHE B 162 15.99 -26.08 8.93
CA PHE B 162 15.45 -27.38 9.27
C PHE B 162 15.04 -28.10 8.00
N ASP B 163 15.25 -29.43 7.99
CA ASP B 163 14.83 -30.30 6.90
C ASP B 163 13.66 -31.15 7.36
N ALA B 164 12.46 -30.83 6.86
CA ALA B 164 11.26 -31.54 7.24
C ALA B 164 11.31 -32.98 6.74
N PRO B 165 10.70 -33.93 7.48
CA PRO B 165 10.70 -35.34 7.06
C PRO B 165 9.91 -35.56 5.78
N VAL B 166 8.84 -34.78 5.58
CA VAL B 166 7.95 -34.97 4.44
C VAL B 166 7.90 -33.66 3.65
N ASP B 167 7.58 -33.78 2.35
CA ASP B 167 7.35 -32.63 1.49
C ASP B 167 6.12 -31.87 2.00
N LEU B 168 6.33 -30.60 2.37
CA LEU B 168 5.35 -29.83 3.13
C LEU B 168 4.25 -29.26 2.23
N HIS B 169 4.39 -29.44 0.91
CA HIS B 169 3.43 -28.90 -0.04
C HIS B 169 2.28 -29.88 -0.27
N LEU B 170 2.36 -31.07 0.33
CA LEU B 170 1.39 -32.14 0.08
C LEU B 170 0.22 -32.05 1.05
N ASP B 171 0.40 -31.36 2.18
CA ASP B 171 -0.67 -31.25 3.17
C ASP B 171 -0.50 -29.95 3.96
N TYR B 172 -1.52 -29.62 4.75
CA TYR B 172 -1.46 -28.52 5.68
C TYR B 172 -0.53 -28.89 6.83
N HIS B 173 0.27 -27.92 7.28
CA HIS B 173 1.14 -28.09 8.43
C HIS B 173 0.96 -26.89 9.36
N LEU B 174 1.32 -27.08 10.63
CA LEU B 174 1.21 -26.03 11.62
C LEU B 174 2.57 -25.35 11.81
N TYR B 175 2.61 -24.05 11.52
CA TYR B 175 3.82 -23.25 11.68
C TYR B 175 3.55 -22.23 12.79
N LYS B 176 4.38 -22.27 13.84
CA LYS B 176 4.09 -21.53 15.06
C LYS B 176 5.35 -20.84 15.58
N ILE B 177 5.11 -19.73 16.29
CA ILE B 177 6.11 -19.12 17.16
C ILE B 177 5.55 -19.12 18.58
N SER B 178 6.42 -19.44 19.56
CA SER B 178 6.15 -19.22 20.96
C SER B 178 7.06 -18.11 21.46
N TRP B 179 6.45 -17.02 21.91
CA TRP B 179 7.15 -15.77 22.18
C TRP B 179 6.90 -15.37 23.63
N THR B 180 7.93 -15.49 24.47
CA THR B 180 7.84 -15.15 25.88
C THR B 180 8.83 -14.03 26.17
N PRO B 181 8.84 -13.46 27.40
CA PRO B 181 9.86 -12.46 27.77
C PRO B 181 11.31 -12.94 27.69
N THR B 182 11.52 -14.27 27.64
CA THR B 182 12.86 -14.84 27.68
C THR B 182 13.34 -15.26 26.29
N HIS B 183 12.42 -15.75 25.42
CA HIS B 183 12.84 -16.39 24.19
C HIS B 183 11.79 -16.28 23.09
N MET B 184 12.23 -16.56 21.86
CA MET B 184 11.36 -16.84 20.73
C MET B 184 11.69 -18.23 20.21
N LYS B 185 10.66 -19.09 20.12
CA LYS B 185 10.80 -20.46 19.64
C LYS B 185 9.90 -20.67 18.43
N PHE B 186 10.35 -21.52 17.50
CA PHE B 186 9.64 -21.78 16.26
C PHE B 186 9.39 -23.28 16.12
N PHE B 187 8.20 -23.63 15.59
CA PHE B 187 7.73 -25.01 15.60
C PHE B 187 7.16 -25.39 14.23
N LEU B 188 7.37 -26.66 13.87
CA LEU B 188 6.65 -27.31 12.78
C LEU B 188 5.85 -28.47 13.38
N ASP B 189 4.51 -28.36 13.33
CA ASP B 189 3.62 -29.37 13.88
C ASP B 189 3.96 -29.66 15.33
N GLY B 190 4.19 -28.60 16.11
CA GLY B 190 4.35 -28.72 17.55
C GLY B 190 5.76 -29.10 17.98
N LYS B 191 6.65 -29.38 17.02
CA LYS B 191 8.03 -29.75 17.31
C LYS B 191 8.94 -28.56 17.01
N GLU B 192 9.74 -28.17 18.01
CA GLU B 192 10.60 -27.00 17.93
C GLU B 192 11.76 -27.26 16.97
N PHE B 193 12.03 -26.31 16.07
CA PHE B 193 13.18 -26.40 15.17
C PHE B 193 14.04 -25.14 15.24
N GLY B 194 13.64 -24.16 16.05
CA GLY B 194 14.43 -22.94 16.23
C GLY B 194 14.15 -22.30 17.58
N SER B 195 15.18 -21.69 18.17
CA SER B 195 15.05 -21.03 19.47
C SER B 195 16.18 -20.02 19.66
N TRP B 196 15.83 -18.85 20.22
CA TRP B 196 16.79 -17.84 20.59
C TRP B 196 16.36 -17.15 21.87
N ASP B 197 17.32 -16.89 22.76
CA ASP B 197 17.12 -16.03 23.92
C ASP B 197 17.05 -14.59 23.43
N ILE B 198 16.10 -13.81 23.99
CA ILE B 198 15.89 -12.44 23.54
C ILE B 198 16.00 -11.46 24.72
N THR B 199 16.68 -11.88 25.81
CA THR B 199 16.81 -11.05 26.99
C THR B 199 17.99 -10.08 26.86
N ALA B 200 18.84 -10.28 25.84
CA ALA B 200 20.01 -9.44 25.63
C ALA B 200 19.58 -7.98 25.41
N SER B 201 20.46 -7.07 25.82
CA SER B 201 20.16 -5.65 25.82
C SER B 201 19.98 -5.14 24.40
N GLU B 202 20.64 -5.77 23.42
CA GLU B 202 20.60 -5.30 22.04
C GLU B 202 19.40 -5.89 21.29
N MET B 203 18.58 -6.68 21.98
CA MET B 203 17.41 -7.31 21.37
C MET B 203 16.13 -6.81 22.02
N LYS B 204 16.12 -5.53 22.42
CA LYS B 204 14.97 -4.94 23.08
C LYS B 204 13.84 -4.68 22.08
N GLU B 205 14.15 -4.81 20.79
CA GLU B 205 13.18 -4.61 19.72
C GLU B 205 12.14 -5.73 19.72
N TYR B 206 12.45 -6.85 20.39
CA TYR B 206 11.52 -7.98 20.48
C TYR B 206 10.74 -7.93 21.80
N HIS B 207 10.68 -6.76 22.43
CA HIS B 207 9.79 -6.54 23.56
C HIS B 207 8.89 -5.34 23.24
N GLN B 208 8.30 -5.38 22.04
CA GLN B 208 7.25 -4.47 21.62
C GLN B 208 6.20 -5.28 20.85
N PRO B 209 5.02 -4.71 20.51
CA PRO B 209 4.06 -5.39 19.64
C PRO B 209 4.60 -5.66 18.23
N PHE B 210 4.22 -6.83 17.68
CA PHE B 210 4.51 -7.20 16.31
C PHE B 210 3.21 -7.55 15.59
N TYR B 211 3.21 -7.47 14.26
CA TYR B 211 2.06 -7.87 13.45
C TYR B 211 2.47 -8.91 12.42
N PRO B 212 1.60 -9.89 12.10
CA PRO B 212 1.92 -10.92 11.10
C PRO B 212 1.76 -10.50 9.64
N ILE B 213 2.48 -11.22 8.78
CA ILE B 213 2.53 -10.96 7.35
C ILE B 213 2.50 -12.30 6.60
N LEU B 214 1.75 -12.34 5.50
CA LEU B 214 1.68 -13.52 4.66
C LEU B 214 1.89 -13.08 3.21
N ASN B 215 2.68 -13.85 2.46
CA ASN B 215 2.95 -13.52 1.07
C ASN B 215 3.47 -14.75 0.33
N VAL B 216 3.50 -14.64 -1.01
CA VAL B 216 4.14 -15.62 -1.86
C VAL B 216 4.98 -14.87 -2.89
N ALA B 217 6.28 -14.77 -2.62
CA ALA B 217 7.21 -14.08 -3.51
C ALA B 217 7.63 -15.01 -4.64
N VAL B 218 8.08 -14.41 -5.75
CA VAL B 218 8.60 -15.14 -6.88
C VAL B 218 9.99 -14.60 -7.20
N GLY B 219 11.02 -15.39 -6.89
CA GLY B 219 12.38 -15.07 -7.24
C GLY B 219 12.99 -14.03 -6.30
N SER B 220 14.23 -13.63 -6.62
CA SER B 220 15.02 -12.73 -5.81
C SER B 220 16.35 -12.49 -6.51
N TRP B 221 17.13 -11.52 -6.03
CA TRP B 221 18.52 -11.36 -6.46
C TRP B 221 19.26 -12.68 -6.25
N THR B 222 20.30 -12.92 -7.06
CA THR B 222 21.08 -14.15 -6.97
C THR B 222 21.65 -14.30 -5.55
N HIS B 223 22.02 -13.17 -4.96
CA HIS B 223 22.64 -13.16 -3.64
C HIS B 223 21.59 -13.16 -2.53
N SER B 224 20.30 -13.11 -2.91
CA SER B 224 19.20 -13.17 -1.96
C SER B 224 18.72 -14.61 -1.81
N TYR B 225 17.44 -14.82 -1.47
CA TYR B 225 17.00 -16.08 -0.89
C TYR B 225 16.92 -17.20 -1.92
N THR B 226 16.36 -16.92 -3.11
CA THR B 226 16.03 -17.97 -4.07
C THR B 226 17.21 -18.26 -4.99
N GLY B 227 18.00 -17.23 -5.31
CA GLY B 227 19.12 -17.36 -6.21
C GLY B 227 18.71 -17.28 -7.68
N LEU B 228 17.46 -16.88 -7.94
CA LEU B 228 16.90 -16.89 -9.28
C LEU B 228 16.26 -15.53 -9.56
N ASP B 229 16.90 -14.75 -10.45
CA ASP B 229 16.67 -13.31 -10.51
C ASP B 229 16.01 -12.86 -11.82
N THR B 230 15.69 -13.78 -12.73
CA THR B 230 14.99 -13.42 -13.94
C THR B 230 13.76 -14.31 -14.11
N PRO B 231 12.71 -13.84 -14.82
CA PRO B 231 11.52 -14.65 -15.07
C PRO B 231 11.81 -16.02 -15.69
N GLU B 232 12.85 -16.07 -16.54
CA GLU B 232 13.16 -17.26 -17.31
C GLU B 232 13.75 -18.35 -16.40
N LYS B 233 14.28 -17.95 -15.24
CA LYS B 233 14.89 -18.89 -14.31
C LYS B 233 13.86 -19.51 -13.36
N ILE B 234 12.61 -19.00 -13.39
CA ILE B 234 11.55 -19.53 -12.56
C ILE B 234 10.92 -20.72 -13.26
N THR B 235 11.04 -21.91 -12.67
CA THR B 235 10.59 -23.15 -13.30
C THR B 235 9.36 -23.72 -12.61
N ALA B 236 8.89 -23.05 -11.55
CA ALA B 236 7.89 -23.66 -10.67
C ALA B 236 6.51 -23.68 -11.35
N THR B 237 5.64 -24.57 -10.86
CA THR B 237 4.28 -24.66 -11.34
C THR B 237 3.54 -23.37 -10.99
N LEU B 238 2.95 -22.74 -12.01
CA LEU B 238 2.14 -21.54 -11.83
C LEU B 238 0.83 -21.74 -12.56
N PRO B 239 -0.33 -21.31 -11.98
CA PRO B 239 -0.38 -20.63 -10.68
C PRO B 239 0.10 -21.48 -9.50
N ALA B 240 0.70 -20.82 -8.51
CA ALA B 240 1.10 -21.44 -7.26
C ALA B 240 0.23 -20.87 -6.14
N ARG B 241 -0.41 -21.76 -5.35
CA ARG B 241 -1.38 -21.36 -4.35
C ARG B 241 -0.92 -21.75 -2.96
N MET B 242 -0.93 -20.78 -2.03
CA MET B 242 -0.74 -21.05 -0.62
C MET B 242 -2.10 -20.98 0.07
N TYR B 243 -2.52 -22.11 0.66
CA TYR B 243 -3.76 -22.20 1.40
C TYR B 243 -3.47 -21.93 2.87
N VAL B 244 -4.25 -21.03 3.48
CA VAL B 244 -4.15 -20.77 4.90
C VAL B 244 -5.52 -21.01 5.52
N ASP B 245 -5.65 -22.10 6.28
CA ASP B 245 -6.89 -22.50 6.89
C ASP B 245 -7.24 -21.53 8.02
N TRP B 246 -6.24 -21.21 8.84
CA TRP B 246 -6.43 -20.22 9.88
C TRP B 246 -5.11 -19.66 10.38
N ILE B 247 -5.20 -18.56 11.12
CA ILE B 247 -4.12 -18.04 11.93
C ILE B 247 -4.72 -17.61 13.27
N ARG B 248 -4.14 -18.10 14.38
CA ARG B 248 -4.70 -17.90 15.71
C ARG B 248 -3.60 -17.42 16.65
N LEU B 249 -4.02 -16.60 17.64
CA LEU B 249 -3.13 -16.17 18.70
C LEU B 249 -3.55 -16.84 20.01
N TYR B 250 -2.68 -17.73 20.52
CA TYR B 250 -2.89 -18.36 21.81
C TYR B 250 -2.25 -17.49 22.88
N GLY B 251 -3.09 -16.88 23.73
CA GLY B 251 -2.64 -15.87 24.67
C GLY B 251 -1.78 -16.47 25.78
N HIS B 252 -0.83 -15.68 26.27
CA HIS B 252 -0.11 -15.95 27.49
C HIS B 252 -0.61 -14.98 28.56
N PRO B 253 -0.32 -15.21 29.86
CA PRO B 253 -0.59 -14.21 30.89
C PRO B 253 -0.02 -12.84 30.56
N GLU B 254 1.17 -12.83 29.93
CA GLU B 254 1.92 -11.60 29.70
C GLU B 254 1.53 -10.93 28.38
N THR B 255 0.60 -11.55 27.63
CA THR B 255 0.27 -11.08 26.28
C THR B 255 -0.37 -9.69 26.35
N LYS B 256 0.14 -8.79 25.51
CA LYS B 256 -0.45 -7.48 25.29
C LYS B 256 -1.08 -7.45 23.91
N LEU B 257 -2.41 -7.23 23.85
CA LEU B 257 -3.14 -7.24 22.59
C LEU B 257 -3.43 -5.81 22.14
N VAL B 258 -3.19 -5.53 20.85
CA VAL B 258 -3.45 -4.22 20.26
C VAL B 258 -4.43 -4.39 19.11
N GLN B 259 -5.59 -3.71 19.18
CA GLN B 259 -6.61 -3.84 18.15
C GLN B 259 -7.14 -2.48 17.69
N ASN B 260 -7.68 -2.49 16.46
CA ASN B 260 -8.32 -1.36 15.81
C ASN B 260 -7.50 -0.07 16.05
#